data_7VMH
#
_entry.id   7VMH
#
_cell.length_a   90.482
_cell.length_b   73.114
_cell.length_c   72.580
_cell.angle_alpha   90.00
_cell.angle_beta   96.86
_cell.angle_gamma   90.00
#
_symmetry.space_group_name_H-M   'C 1 2 1'
#
loop_
_entity.id
_entity.type
_entity.pdbx_description
1 polymer 'Histone deacetylase HDT4'
2 water water
#
_entity_poly.entity_id   1
_entity_poly.type   'polypeptide(L)'
_entity_poly.pdbx_seq_one_letter_code
;MMEFWGIEIKPGKPFKVIQKDGFMVHASQVTLGDVEKVKKDETFAVYVKIGDDENGFMIGNLSQKFPQFSIDLYLGHEFE
ISHNSTSSVYLIGYRTFDLEHHH
;
_entity_poly.pdbx_strand_id   A,B,C,D,E
#
# COMPACT_ATOMS: atom_id res chain seq x y z
N MET A 1 9.49 -13.07 -6.84
CA MET A 1 9.24 -13.86 -5.60
C MET A 1 10.36 -14.89 -5.43
N MET A 2 11.28 -14.96 -6.39
CA MET A 2 12.35 -16.00 -6.35
C MET A 2 13.08 -15.99 -5.00
N GLU A 3 13.69 -14.86 -4.61
CA GLU A 3 14.50 -14.89 -3.36
C GLU A 3 14.60 -13.53 -2.68
N PHE A 4 14.62 -13.50 -1.34
CA PHE A 4 14.80 -12.28 -0.58
C PHE A 4 16.07 -11.59 -1.02
N TRP A 5 15.99 -10.27 -1.11
CA TRP A 5 17.11 -9.42 -1.51
C TRP A 5 17.07 -8.20 -0.60
N GLY A 6 18.21 -7.78 -0.10
CA GLY A 6 18.30 -6.60 0.75
C GLY A 6 19.66 -5.95 0.76
N ILE A 7 19.70 -4.62 0.87
CA ILE A 7 20.96 -3.87 1.04
C ILE A 7 20.77 -2.83 2.13
N GLU A 8 21.87 -2.52 2.81
CA GLU A 8 21.94 -1.47 3.78
C GLU A 8 22.79 -0.38 3.16
N ILE A 9 22.20 0.80 2.98
CA ILE A 9 22.91 1.95 2.42
C ILE A 9 23.36 2.79 3.57
N LYS A 10 24.67 2.76 3.83
CA LYS A 10 25.27 3.45 4.96
C LYS A 10 25.35 4.95 4.68
N PRO A 11 25.31 5.80 5.72
CA PRO A 11 25.35 7.25 5.55
C PRO A 11 26.62 7.65 4.77
N GLY A 12 26.46 8.52 3.77
CA GLY A 12 27.58 9.01 3.00
C GLY A 12 28.21 8.04 2.03
N LYS A 13 27.57 6.88 1.81
CA LYS A 13 28.09 5.84 0.97
C LYS A 13 27.02 5.31 0.02
N PRO A 14 26.84 5.92 -1.17
CA PRO A 14 25.94 5.38 -2.18
C PRO A 14 26.25 3.91 -2.47
N PHE A 15 25.22 3.11 -2.70
CA PHE A 15 25.33 1.67 -2.89
C PHE A 15 25.00 1.32 -4.29
N LYS A 16 26.00 0.84 -5.05
CA LYS A 16 25.89 0.44 -6.44
C LYS A 16 25.60 -1.06 -6.57
N VAL A 17 24.60 -1.39 -7.39
CA VAL A 17 24.35 -2.77 -7.82
C VAL A 17 24.47 -2.90 -9.31
N ILE A 18 25.21 -3.89 -9.77
CA ILE A 18 25.23 -4.33 -11.18
C ILE A 18 24.72 -5.77 -11.31
N GLN A 19 23.83 -6.01 -12.27
CA GLN A 19 23.25 -7.33 -12.57
C GLN A 19 23.37 -7.76 -14.04
N LYS A 20 23.22 -9.06 -14.32
CA LYS A 20 23.24 -9.59 -15.70
C LYS A 20 21.91 -9.37 -16.35
N GLY A 22 19.77 -11.38 -16.98
CA GLY A 22 18.65 -12.23 -16.58
C GLY A 22 18.09 -12.02 -15.17
N PHE A 23 18.88 -11.37 -14.30
CA PHE A 23 18.40 -11.01 -12.95
C PHE A 23 17.60 -9.71 -12.93
N MET A 24 16.53 -9.67 -12.14
CA MET A 24 15.84 -8.42 -11.82
C MET A 24 15.69 -8.28 -10.30
N VAL A 25 15.91 -7.08 -9.75
CA VAL A 25 15.61 -6.83 -8.36
C VAL A 25 14.26 -6.09 -8.30
N HIS A 26 13.34 -6.61 -7.50
CA HIS A 26 12.10 -5.92 -7.17
C HIS A 26 12.32 -5.30 -5.80
N ALA A 27 12.40 -3.98 -5.73
CA ALA A 27 12.46 -3.27 -4.48
C ALA A 27 11.03 -3.11 -3.96
N SER A 28 10.82 -3.49 -2.69
CA SER A 28 9.54 -3.48 -2.04
C SER A 28 9.38 -2.50 -0.91
N GLN A 29 10.46 -2.25 -0.17
CA GLN A 29 10.37 -1.52 1.10
C GLN A 29 11.66 -0.73 1.34
N VAL A 30 11.51 0.50 1.84
CA VAL A 30 12.60 1.43 2.15
C VAL A 30 12.36 1.90 3.56
N THR A 31 13.31 1.65 4.46
CA THR A 31 13.17 1.88 5.88
C THR A 31 14.34 2.70 6.45
N LEU A 32 13.99 3.69 7.29
CA LEU A 32 14.95 4.53 7.97
C LEU A 32 15.51 3.80 9.19
N GLY A 33 16.84 3.69 9.27
CA GLY A 33 17.50 3.15 10.45
C GLY A 33 17.62 4.15 11.58
N ASP A 34 17.80 3.61 12.80
CA ASP A 34 18.09 4.41 13.99
C ASP A 34 17.19 5.59 14.13
N VAL A 35 15.88 5.34 14.01
CA VAL A 35 14.92 6.42 14.03
C VAL A 35 15.06 7.31 15.25
N GLU A 36 15.34 6.70 16.42
CA GLU A 36 15.50 7.45 17.67
C GLU A 36 16.67 8.45 17.66
N LYS A 37 17.64 8.24 16.76
CA LYS A 37 18.86 9.04 16.69
C LYS A 37 18.89 10.14 15.65
N VAL A 38 18.01 10.11 14.66
CA VAL A 38 17.98 11.16 13.65
C VAL A 38 17.28 12.38 14.25
N LYS A 39 17.51 13.55 13.67
CA LYS A 39 16.87 14.77 14.15
C LYS A 39 15.38 14.66 13.84
N LYS A 40 14.57 15.04 14.83
CA LYS A 40 13.12 14.84 14.79
C LYS A 40 12.36 15.56 13.67
N ASP A 41 12.93 16.67 13.16
CA ASP A 41 12.32 17.54 12.21
C ASP A 41 12.96 17.53 10.81
N GLU A 42 13.81 16.55 10.52
CA GLU A 42 14.43 16.41 9.22
C GLU A 42 13.57 15.51 8.31
N THR A 43 13.58 15.78 7.00
CA THR A 43 13.16 14.82 6.00
C THR A 43 14.37 14.45 5.17
N PHE A 44 14.53 13.14 4.92
CA PHE A 44 15.64 12.63 4.14
C PHE A 44 15.12 12.15 2.79
N ALA A 45 15.87 12.41 1.74
CA ALA A 45 15.50 12.05 0.40
C ALA A 45 16.31 10.82 -0.02
N VAL A 46 15.64 9.87 -0.68
CA VAL A 46 16.25 8.67 -1.25
C VAL A 46 16.14 8.69 -2.74
N TYR A 47 17.28 8.46 -3.39
CA TYR A 47 17.49 8.56 -4.85
C TYR A 47 17.93 7.21 -5.41
N VAL A 48 17.52 6.97 -6.65
CA VAL A 48 18.11 5.97 -7.50
C VAL A 48 18.70 6.63 -8.73
N LYS A 49 19.93 6.27 -9.04
CA LYS A 49 20.61 6.64 -10.29
C LYS A 49 20.76 5.41 -11.14
N ILE A 50 20.30 5.52 -12.39
CA ILE A 50 20.28 4.45 -13.33
C ILE A 50 21.48 4.50 -14.26
N GLY A 51 22.16 3.35 -14.42
CA GLY A 51 23.27 3.24 -15.33
C GLY A 51 24.32 4.30 -15.05
N ASP A 52 24.72 5.05 -16.08
CA ASP A 52 25.74 6.09 -15.96
C ASP A 52 25.22 7.51 -15.60
N ASP A 53 23.92 7.64 -15.32
CA ASP A 53 23.30 8.94 -15.10
C ASP A 53 23.99 9.64 -13.95
N GLU A 54 24.26 10.92 -14.10
CA GLU A 54 24.81 11.73 -13.02
C GLU A 54 23.79 12.11 -11.97
N ASN A 55 22.53 12.28 -12.41
CA ASN A 55 21.46 12.72 -11.55
C ASN A 55 20.47 11.57 -11.33
N GLY A 56 19.85 11.53 -10.16
CA GLY A 56 18.94 10.47 -9.81
C GLY A 56 17.46 10.87 -9.90
N PHE A 57 16.60 9.91 -9.61
CA PHE A 57 15.19 10.09 -9.41
C PHE A 57 14.95 9.80 -7.97
N MET A 58 14.10 10.60 -7.33
CA MET A 58 13.65 10.33 -6.00
C MET A 58 12.75 9.11 -6.02
N ILE A 59 12.99 8.19 -5.10
CA ILE A 59 12.08 7.09 -4.86
C ILE A 59 11.16 7.33 -3.66
N GLY A 60 11.53 8.26 -2.81
CA GLY A 60 10.73 8.64 -1.66
C GLY A 60 11.48 9.44 -0.63
N ASN A 61 10.73 9.84 0.42
CA ASN A 61 11.25 10.56 1.55
C ASN A 61 11.12 9.71 2.79
N LEU A 62 11.98 9.97 3.78
CA LEU A 62 11.93 9.32 5.09
C LEU A 62 12.07 10.37 6.16
N SER A 63 11.40 10.13 7.30
CA SER A 63 11.52 11.01 8.47
C SER A 63 11.11 10.20 9.68
N GLN A 64 11.36 10.76 10.86
CA GLN A 64 10.97 10.07 12.09
C GLN A 64 9.46 9.83 12.09
N LYS A 65 8.71 10.78 11.56
CA LYS A 65 7.25 10.66 11.50
C LYS A 65 6.72 9.71 10.44
N PHE A 66 7.45 9.53 9.33
CA PHE A 66 7.07 8.62 8.24
C PHE A 66 8.35 7.82 7.92
N PRO A 67 8.72 6.83 8.77
CA PRO A 67 10.05 6.23 8.73
C PRO A 67 10.24 4.98 7.86
N GLN A 68 9.25 4.68 7.02
CA GLN A 68 9.43 3.68 5.97
C GLN A 68 8.32 3.89 4.94
N PHE A 69 8.54 3.39 3.72
CA PHE A 69 7.50 3.37 2.73
C PHE A 69 7.67 2.19 1.81
N SER A 70 6.54 1.70 1.31
CA SER A 70 6.51 0.57 0.40
C SER A 70 6.55 1.07 -1.01
N ILE A 71 7.10 0.26 -1.92
CA ILE A 71 7.17 0.60 -3.32
C ILE A 71 7.09 -0.66 -4.16
N ASP A 72 6.77 -0.50 -5.45
CA ASP A 72 6.71 -1.58 -6.41
C ASP A 72 7.63 -1.19 -7.54
N LEU A 73 8.91 -1.49 -7.41
CA LEU A 73 9.90 -1.07 -8.39
C LEU A 73 10.74 -2.22 -8.84
N TYR A 74 10.93 -2.33 -10.15
CA TYR A 74 11.92 -3.23 -10.76
C TYR A 74 13.16 -2.44 -11.13
N LEU A 75 14.31 -2.95 -10.71
CA LEU A 75 15.59 -2.38 -11.05
C LEU A 75 16.39 -3.47 -11.79
N GLY A 76 16.96 -3.03 -12.90
CA GLY A 76 17.57 -3.90 -13.86
C GLY A 76 19.05 -3.87 -13.73
N HIS A 77 19.69 -3.57 -14.85
CA HIS A 77 21.07 -3.85 -15.07
C HIS A 77 22.02 -3.17 -14.07
N GLU A 78 21.79 -1.88 -13.81
CA GLU A 78 22.76 -1.07 -13.05
C GLU A 78 22.07 0.07 -12.36
N PHE A 79 22.14 0.11 -11.03
CA PHE A 79 21.53 1.19 -10.28
C PHE A 79 22.34 1.49 -9.05
N GLU A 80 22.16 2.70 -8.54
CA GLU A 80 22.84 3.14 -7.35
C GLU A 80 21.80 3.85 -6.46
N ILE A 81 21.77 3.48 -5.18
CA ILE A 81 20.85 4.03 -4.20
C ILE A 81 21.67 4.95 -3.29
N SER A 82 21.16 6.16 -3.07
CA SER A 82 21.77 7.12 -2.19
C SER A 82 20.73 7.83 -1.41
N HIS A 83 21.15 8.43 -0.30
CA HIS A 83 20.27 9.21 0.55
C HIS A 83 21.14 10.13 1.39
N ASN A 84 20.49 11.10 2.05
CA ASN A 84 21.18 12.08 2.91
C ASN A 84 20.87 11.93 4.38
N SER A 85 20.56 10.71 4.83
CA SER A 85 20.37 10.50 6.25
C SER A 85 21.70 10.36 6.95
N THR A 86 21.69 10.64 8.26
CA THR A 86 22.83 10.39 9.14
C THR A 86 22.84 8.93 9.61
N SER A 87 21.71 8.25 9.41
CA SER A 87 21.53 6.83 9.73
C SER A 87 21.55 6.00 8.45
N SER A 88 21.65 4.68 8.59
CA SER A 88 21.50 3.78 7.46
C SER A 88 20.06 3.80 6.94
N VAL A 89 19.92 3.47 5.67
CA VAL A 89 18.63 3.19 5.03
C VAL A 89 18.70 1.76 4.49
N TYR A 90 17.63 1.01 4.72
CA TYR A 90 17.51 -0.41 4.27
C TYR A 90 16.52 -0.48 3.11
N LEU A 91 17.00 -0.99 1.97
CA LEU A 91 16.15 -1.24 0.85
C LEU A 91 16.06 -2.75 0.72
N ILE A 92 14.84 -3.29 0.76
CA ILE A 92 14.63 -4.73 0.66
C ILE A 92 13.57 -5.06 -0.37
N GLY A 93 13.56 -6.33 -0.80
CA GLY A 93 12.63 -6.82 -1.78
C GLY A 93 12.96 -8.25 -2.11
N TYR A 94 12.93 -8.56 -3.39
CA TYR A 94 13.26 -9.92 -3.89
C TYR A 94 13.89 -9.82 -5.27
N ARG A 95 14.71 -10.81 -5.59
CA ARG A 95 15.31 -10.99 -6.92
C ARG A 95 14.50 -12.10 -7.61
N THR A 96 14.30 -11.93 -8.92
CA THR A 96 13.72 -12.98 -9.77
C THR A 96 14.62 -13.25 -10.95
N PHE A 97 14.36 -14.36 -11.63
CA PHE A 97 15.16 -14.83 -12.76
C PHE A 97 14.29 -15.42 -13.87
N MET B 2 -5.17 -4.20 -22.00
CA MET B 2 -4.86 -3.45 -20.75
C MET B 2 -4.90 -1.97 -21.06
N GLU B 3 -5.67 -1.21 -20.29
CA GLU B 3 -5.76 0.24 -20.51
C GLU B 3 -6.15 1.00 -19.24
N PHE B 4 -5.72 2.26 -19.21
CA PHE B 4 -6.06 3.18 -18.15
C PHE B 4 -7.55 3.30 -18.05
N TRP B 5 -8.04 3.39 -16.81
CA TRP B 5 -9.45 3.56 -16.54
C TRP B 5 -9.57 4.52 -15.38
N GLY B 6 -10.50 5.47 -15.48
CA GLY B 6 -10.72 6.46 -14.47
C GLY B 6 -12.07 7.11 -14.53
N ILE B 7 -12.65 7.44 -13.36
CA ILE B 7 -13.90 8.16 -13.29
C ILE B 7 -13.81 9.22 -12.20
N GLU B 8 -14.56 10.31 -12.41
CA GLU B 8 -14.68 11.37 -11.45
C GLU B 8 -16.10 11.28 -10.93
N ILE B 9 -16.25 11.03 -9.65
CA ILE B 9 -17.54 10.95 -9.01
C ILE B 9 -17.83 12.29 -8.42
N LYS B 10 -18.80 13.00 -9.02
CA LYS B 10 -19.14 14.35 -8.61
C LYS B 10 -19.98 14.32 -7.35
N PRO B 11 -19.91 15.40 -6.53
CA PRO B 11 -20.68 15.47 -5.30
C PRO B 11 -22.17 15.26 -5.54
N GLY B 12 -22.80 14.40 -4.74
CA GLY B 12 -24.22 14.15 -4.81
C GLY B 12 -24.68 13.35 -6.01
N LYS B 13 -23.74 12.75 -6.77
CA LYS B 13 -24.05 12.06 -7.99
C LYS B 13 -23.35 10.71 -8.05
N PRO B 14 -23.97 9.63 -7.51
CA PRO B 14 -23.40 8.29 -7.63
C PRO B 14 -23.13 7.97 -9.10
N PHE B 15 -22.03 7.25 -9.36
CA PHE B 15 -21.58 6.97 -10.68
C PHE B 15 -21.76 5.46 -10.90
N LYS B 16 -22.67 5.11 -11.82
CA LYS B 16 -22.96 3.74 -12.20
C LYS B 16 -22.13 3.34 -13.41
N VAL B 17 -21.40 2.23 -13.27
CA VAL B 17 -20.61 1.65 -14.34
C VAL B 17 -21.24 0.31 -14.72
N ILE B 18 -21.44 0.16 -16.02
CA ILE B 18 -21.91 -1.05 -16.64
C ILE B 18 -20.81 -1.45 -17.60
N GLN B 19 -20.45 -2.71 -17.58
CA GLN B 19 -19.41 -3.25 -18.46
C GLN B 19 -19.95 -4.45 -19.24
N LYS B 20 -19.40 -4.66 -20.44
CA LYS B 20 -19.67 -5.86 -21.25
C LYS B 20 -18.97 -7.08 -20.68
N ASP B 21 -19.52 -8.26 -20.97
CA ASP B 21 -18.99 -9.53 -20.54
C ASP B 21 -17.54 -9.57 -20.87
N GLY B 22 -16.75 -10.11 -19.95
CA GLY B 22 -15.32 -10.24 -20.15
C GLY B 22 -14.47 -9.07 -19.68
N PHE B 23 -15.06 -7.88 -19.53
CA PHE B 23 -14.28 -6.73 -19.00
C PHE B 23 -14.23 -6.71 -17.48
N MET B 24 -13.06 -6.34 -16.93
CA MET B 24 -12.88 -6.13 -15.52
C MET B 24 -12.19 -4.79 -15.30
N VAL B 25 -12.64 -4.07 -14.27
CA VAL B 25 -11.98 -2.86 -13.81
C VAL B 25 -11.19 -3.26 -12.56
N HIS B 26 -9.90 -2.91 -12.58
CA HIS B 26 -9.09 -2.94 -11.35
C HIS B 26 -9.01 -1.54 -10.83
N ALA B 27 -9.67 -1.30 -9.69
CA ALA B 27 -9.55 -0.01 -9.00
C ALA B 27 -8.29 -0.03 -8.18
N SER B 28 -7.43 1.01 -8.35
CA SER B 28 -6.14 1.10 -7.73
C SER B 28 -5.98 2.23 -6.72
N GLN B 29 -6.73 3.30 -6.93
CA GLN B 29 -6.52 4.53 -6.19
C GLN B 29 -7.83 5.28 -6.10
N VAL B 30 -8.09 5.82 -4.89
CA VAL B 30 -9.22 6.67 -4.61
C VAL B 30 -8.69 7.96 -4.02
N THR B 31 -8.93 9.08 -4.70
CA THR B 31 -8.38 10.38 -4.35
C THR B 31 -9.46 11.44 -4.13
N LEU B 32 -9.33 12.20 -3.04
CA LEU B 32 -10.20 13.33 -2.74
C LEU B 32 -9.76 14.55 -3.57
N GLY B 33 -10.71 15.14 -4.30
CA GLY B 33 -10.48 16.39 -4.98
C GLY B 33 -10.60 17.60 -4.07
N ASP B 34 -10.01 18.71 -4.51
CA ASP B 34 -10.16 20.01 -3.87
C ASP B 34 -9.96 19.93 -2.39
N VAL B 35 -8.84 19.35 -1.98
CA VAL B 35 -8.60 19.07 -0.59
C VAL B 35 -8.67 20.33 0.26
N GLU B 36 -8.18 21.45 -0.29
CA GLU B 36 -8.13 22.73 0.43
C GLU B 36 -9.53 23.30 0.71
N LYS B 37 -10.54 22.83 -0.02
CA LYS B 37 -11.91 23.36 0.07
C LYS B 37 -12.87 22.58 0.94
N VAL B 38 -12.57 21.31 1.26
CA VAL B 38 -13.49 20.51 2.06
C VAL B 38 -13.41 20.92 3.53
N LYS B 39 -14.44 20.56 4.30
CA LYS B 39 -14.52 20.88 5.72
C LYS B 39 -13.36 20.20 6.46
N LYS B 40 -12.69 20.98 7.32
CA LYS B 40 -11.32 20.69 7.75
C LYS B 40 -11.12 19.39 8.52
N ASP B 41 -12.10 19.02 9.33
CA ASP B 41 -11.99 17.89 10.27
C ASP B 41 -13.01 16.80 9.99
N GLU B 42 -13.63 16.84 8.81
CA GLU B 42 -14.68 15.90 8.44
C GLU B 42 -14.08 14.69 7.70
N THR B 43 -14.69 13.52 7.89
CA THR B 43 -14.35 12.31 7.15
C THR B 43 -15.47 11.94 6.21
N PHE B 44 -15.11 11.62 4.97
CA PHE B 44 -16.08 11.25 3.93
C PHE B 44 -15.96 9.78 3.64
N ALA B 45 -17.11 9.15 3.48
CA ALA B 45 -17.17 7.72 3.21
C ALA B 45 -17.37 7.51 1.70
N VAL B 46 -16.66 6.51 1.16
CA VAL B 46 -16.76 6.08 -0.22
C VAL B 46 -17.28 4.64 -0.21
N TYR B 47 -18.29 4.41 -1.02
CA TYR B 47 -19.10 3.18 -1.10
C TYR B 47 -19.06 2.61 -2.53
N VAL B 48 -19.15 1.29 -2.59
CA VAL B 48 -19.45 0.60 -3.82
C VAL B 48 -20.68 -0.25 -3.60
N LYS B 49 -21.62 -0.17 -4.54
CA LYS B 49 -22.81 -1.03 -4.56
C LYS B 49 -22.67 -1.91 -5.76
N ILE B 50 -22.83 -3.21 -5.53
CA ILE B 50 -22.66 -4.21 -6.57
C ILE B 50 -24.00 -4.60 -7.16
N GLY B 51 -24.08 -4.63 -8.51
CA GLY B 51 -25.25 -5.13 -9.23
C GLY B 51 -26.44 -4.35 -8.77
N ASP B 52 -27.52 -5.04 -8.36
CA ASP B 52 -28.75 -4.37 -7.92
C ASP B 52 -28.84 -4.13 -6.39
N ASP B 53 -27.76 -4.34 -5.63
CA ASP B 53 -27.77 -4.15 -4.18
C ASP B 53 -28.21 -2.73 -3.83
N GLU B 54 -29.09 -2.59 -2.85
CA GLU B 54 -29.44 -1.27 -2.38
C GLU B 54 -28.45 -0.67 -1.43
N ASN B 55 -27.70 -1.51 -0.72
CA ASN B 55 -26.72 -1.05 0.25
C ASN B 55 -25.31 -1.30 -0.28
N GLY B 56 -24.40 -0.36 0.02
CA GLY B 56 -23.03 -0.49 -0.41
C GLY B 56 -22.10 -1.07 0.64
N PHE B 57 -20.88 -1.42 0.20
CA PHE B 57 -19.76 -1.70 1.02
C PHE B 57 -18.88 -0.49 1.01
N MET B 58 -18.40 -0.10 2.19
CA MET B 58 -17.39 0.95 2.24
C MET B 58 -16.09 0.44 1.67
N ILE B 59 -15.50 1.23 0.78
CA ILE B 59 -14.17 0.93 0.25
C ILE B 59 -13.06 1.75 0.96
N GLY B 60 -13.48 2.81 1.66
CA GLY B 60 -12.55 3.63 2.39
C GLY B 60 -13.15 4.94 2.80
N ASN B 61 -12.36 5.67 3.59
CA ASN B 61 -12.64 7.00 4.06
C ASN B 61 -11.63 7.95 3.47
N LEU B 62 -12.05 9.20 3.30
CA LEU B 62 -11.21 10.28 2.85
C LEU B 62 -11.40 11.48 3.77
N SER B 63 -10.33 12.27 3.92
CA SER B 63 -10.35 13.51 4.68
C SER B 63 -9.18 14.37 4.20
N GLN B 64 -9.17 15.63 4.64
CA GLN B 64 -8.04 16.52 4.32
C GLN B 64 -6.76 15.92 4.81
N LYS B 65 -6.79 15.28 5.99
CA LYS B 65 -5.61 14.70 6.57
C LYS B 65 -5.17 13.38 5.92
N PHE B 66 -6.13 12.61 5.36
CA PHE B 66 -5.85 11.36 4.68
C PHE B 66 -6.60 11.41 3.34
N PRO B 67 -6.10 12.17 2.35
CA PRO B 67 -6.88 12.50 1.15
C PRO B 67 -6.75 11.55 -0.05
N GLN B 68 -6.14 10.40 0.14
CA GLN B 68 -6.26 9.32 -0.85
C GLN B 68 -5.90 8.00 -0.20
N PHE B 69 -6.32 6.90 -0.81
CA PHE B 69 -5.85 5.60 -0.39
C PHE B 69 -5.77 4.68 -1.58
N SER B 70 -4.79 3.78 -1.51
CA SER B 70 -4.57 2.76 -2.53
CA SER B 70 -4.57 2.76 -2.52
C SER B 70 -5.43 1.55 -2.19
N ILE B 71 -5.83 0.83 -3.23
CA ILE B 71 -6.67 -0.34 -3.06
C ILE B 71 -6.38 -1.33 -4.15
N ASP B 72 -6.75 -2.59 -3.91
CA ASP B 72 -6.58 -3.65 -4.90
C ASP B 72 -7.96 -4.28 -5.02
N LEU B 73 -8.78 -3.73 -5.92
CA LEU B 73 -10.14 -4.24 -6.09
C LEU B 73 -10.44 -4.50 -7.53
N TYR B 74 -11.07 -5.65 -7.80
CA TYR B 74 -11.64 -5.99 -9.11
C TYR B 74 -13.16 -5.81 -9.08
N LEU B 75 -13.67 -5.09 -10.07
CA LEU B 75 -15.07 -4.80 -10.20
C LEU B 75 -15.52 -5.24 -11.61
N GLY B 76 -16.71 -5.84 -11.64
CA GLY B 76 -17.24 -6.51 -12.78
C GLY B 76 -18.31 -5.79 -13.52
N HIS B 77 -19.34 -6.56 -13.87
CA HIS B 77 -20.38 -6.17 -14.82
C HIS B 77 -21.07 -4.84 -14.47
N GLU B 78 -21.46 -4.68 -13.20
CA GLU B 78 -22.26 -3.59 -12.76
C GLU B 78 -21.95 -3.15 -11.35
N PHE B 79 -21.52 -1.88 -11.20
CA PHE B 79 -21.22 -1.36 -9.88
C PHE B 79 -21.46 0.13 -9.86
N GLU B 80 -21.68 0.66 -8.67
CA GLU B 80 -21.93 2.06 -8.47
C GLU B 80 -21.07 2.60 -7.36
N ILE B 81 -20.37 3.71 -7.63
CA ILE B 81 -19.50 4.36 -6.65
C ILE B 81 -20.19 5.61 -6.15
N SER B 82 -20.23 5.82 -4.84
CA SER B 82 -20.82 6.99 -4.25
C SER B 82 -19.97 7.44 -3.08
N HIS B 83 -20.16 8.70 -2.69
CA HIS B 83 -19.53 9.28 -1.55
C HIS B 83 -20.31 10.52 -1.11
N ASN B 84 -19.98 11.01 0.08
CA ASN B 84 -20.64 12.17 0.67
C ASN B 84 -19.75 13.41 0.79
N SER B 85 -18.76 13.53 -0.09
CA SER B 85 -17.91 14.71 -0.07
C SER B 85 -18.58 15.84 -0.82
N THR B 86 -18.18 17.07 -0.48
CA THR B 86 -18.60 18.27 -1.18
C THR B 86 -17.75 18.49 -2.43
N SER B 87 -16.63 17.77 -2.52
CA SER B 87 -15.71 17.79 -3.65
C SER B 87 -15.87 16.52 -4.47
N SER B 88 -15.30 16.51 -5.67
CA SER B 88 -15.24 15.29 -6.46
C SER B 88 -14.29 14.28 -5.82
N VAL B 89 -14.53 13.00 -6.11
CA VAL B 89 -13.64 11.89 -5.76
C VAL B 89 -13.28 11.18 -7.06
N TYR B 90 -12.00 10.83 -7.21
CA TYR B 90 -11.44 10.19 -8.42
C TYR B 90 -11.12 8.74 -8.09
N LEU B 91 -11.69 7.82 -8.83
CA LEU B 91 -11.34 6.42 -8.76
C LEU B 91 -10.63 6.10 -10.06
N ILE B 92 -9.40 5.58 -9.95
CA ILE B 92 -8.60 5.25 -11.13
C ILE B 92 -7.96 3.90 -10.99
N GLY B 93 -7.58 3.35 -12.13
CA GLY B 93 -6.96 2.04 -12.18
C GLY B 93 -6.81 1.66 -13.64
N TYR B 94 -7.17 0.43 -13.96
CA TYR B 94 -7.06 -0.08 -15.35
C TYR B 94 -8.16 -1.09 -15.64
N ARG B 95 -8.50 -1.20 -16.91
CA ARG B 95 -9.48 -2.16 -17.42
C ARG B 95 -8.70 -3.24 -18.16
N THR B 96 -9.12 -4.50 -18.02
CA THR B 96 -8.63 -5.62 -18.85
C THR B 96 -9.77 -6.37 -19.49
N PHE B 97 -9.41 -7.24 -20.42
CA PHE B 97 -10.30 -8.04 -21.27
C PHE B 97 -9.62 -9.35 -21.65
N MET C 1 -13.31 -14.14 -14.56
CA MET C 1 -12.03 -14.43 -13.92
C MET C 1 -11.95 -13.90 -12.50
N MET C 2 -12.51 -12.72 -12.23
CA MET C 2 -12.60 -12.16 -10.89
C MET C 2 -14.01 -11.77 -10.53
N GLU C 3 -14.41 -12.11 -9.29
CA GLU C 3 -15.65 -11.68 -8.65
C GLU C 3 -15.37 -10.89 -7.35
N PHE C 4 -16.10 -9.77 -7.22
CA PHE C 4 -16.05 -8.97 -6.01
C PHE C 4 -16.57 -9.80 -4.86
N TRP C 5 -15.94 -9.64 -3.70
CA TRP C 5 -16.35 -10.36 -2.49
C TRP C 5 -16.26 -9.37 -1.35
N GLY C 6 -17.29 -9.33 -0.49
CA GLY C 6 -17.30 -8.36 0.59
C GLY C 6 -18.25 -8.71 1.70
N ILE C 7 -17.88 -8.35 2.94
CA ILE C 7 -18.68 -8.65 4.12
C ILE C 7 -18.66 -7.42 5.01
N GLU C 8 -19.78 -7.24 5.72
CA GLU C 8 -19.89 -6.28 6.79
C GLU C 8 -19.87 -7.05 8.10
N ILE C 9 -18.86 -6.79 8.94
CA ILE C 9 -18.78 -7.45 10.23
C ILE C 9 -19.38 -6.47 11.22
N LYS C 10 -20.57 -6.81 11.72
CA LYS C 10 -21.29 -5.94 12.65
C LYS C 10 -20.66 -6.01 14.04
N PRO C 11 -20.78 -4.93 14.85
CA PRO C 11 -20.22 -4.91 16.20
C PRO C 11 -20.74 -6.09 17.02
N GLY C 12 -19.84 -6.77 17.73
CA GLY C 12 -20.17 -7.88 18.58
C GLY C 12 -20.60 -9.17 17.88
N LYS C 13 -20.42 -9.24 16.54
CA LYS C 13 -20.88 -10.37 15.76
C LYS C 13 -19.81 -10.85 14.80
N PRO C 14 -18.89 -11.73 15.26
CA PRO C 14 -17.87 -12.30 14.39
C PRO C 14 -18.51 -12.92 13.15
N PHE C 15 -17.82 -12.83 12.02
CA PHE C 15 -18.26 -13.35 10.77
C PHE C 15 -17.47 -14.62 10.43
N LYS C 16 -18.18 -15.75 10.43
CA LYS C 16 -17.60 -17.08 10.30
C LYS C 16 -17.88 -17.57 8.91
N VAL C 17 -16.85 -18.06 8.23
CA VAL C 17 -16.96 -18.69 6.90
C VAL C 17 -16.54 -20.14 7.01
N ILE C 18 -17.44 -21.04 6.58
CA ILE C 18 -17.21 -22.50 6.62
C ILE C 18 -17.53 -23.03 5.22
N GLN C 19 -16.49 -23.42 4.46
CA GLN C 19 -16.63 -23.91 3.07
C GLN C 19 -15.80 -25.15 2.82
N LYS C 20 -15.90 -25.71 1.60
CA LYS C 20 -15.09 -26.91 1.21
C LYS C 20 -13.69 -26.53 0.83
N ASP C 21 -12.74 -27.46 1.02
CA ASP C 21 -11.35 -27.28 0.66
C ASP C 21 -11.30 -26.77 -0.76
N GLY C 22 -10.39 -25.84 -1.01
CA GLY C 22 -10.25 -25.20 -2.30
C GLY C 22 -11.02 -23.90 -2.46
N PHE C 23 -11.92 -23.58 -1.52
CA PHE C 23 -12.48 -22.21 -1.41
C PHE C 23 -11.49 -21.20 -0.80
N MET C 24 -11.32 -20.05 -1.47
CA MET C 24 -10.35 -19.06 -1.10
C MET C 24 -10.90 -17.70 -1.53
N VAL C 25 -10.57 -16.67 -0.74
CA VAL C 25 -10.87 -15.27 -0.97
C VAL C 25 -9.56 -14.50 -0.86
N HIS C 26 -9.35 -13.49 -1.75
CA HIS C 26 -8.27 -12.50 -1.50
C HIS C 26 -8.90 -11.30 -0.82
N ALA C 27 -8.60 -11.09 0.46
CA ALA C 27 -9.03 -9.93 1.19
C ALA C 27 -8.02 -8.81 0.87
N SER C 28 -8.55 -7.65 0.49
CA SER C 28 -7.78 -6.50 0.04
C SER C 28 -7.81 -5.28 0.92
N GLN C 29 -8.94 -5.07 1.59
CA GLN C 29 -9.21 -3.79 2.23
C GLN C 29 -10.07 -4.02 3.46
N VAL C 30 -9.73 -3.33 4.55
CA VAL C 30 -10.46 -3.33 5.79
C VAL C 30 -10.75 -1.89 6.14
N THR C 31 -12.04 -1.55 6.29
CA THR C 31 -12.47 -0.18 6.47
C THR C 31 -13.37 -0.04 7.71
N LEU C 32 -13.13 1.01 8.49
CA LEU C 32 -13.93 1.34 9.66
C LEU C 32 -15.16 2.08 9.23
N GLY C 33 -16.34 1.59 9.64
CA GLY C 33 -17.59 2.31 9.44
C GLY C 33 -17.78 3.43 10.44
N ASP C 34 -18.65 4.38 10.08
CA ASP C 34 -19.13 5.42 11.00
C ASP C 34 -17.99 6.08 11.74
N VAL C 35 -16.99 6.51 10.98
CA VAL C 35 -15.79 7.09 11.55
C VAL C 35 -16.11 8.25 12.48
N GLU C 36 -17.10 9.07 12.10
CA GLU C 36 -17.50 10.27 12.84
C GLU C 36 -18.05 9.92 14.23
N LYS C 37 -18.56 8.69 14.40
CA LYS C 37 -19.27 8.25 15.59
C LYS C 37 -18.47 7.46 16.59
N VAL C 38 -17.32 6.90 16.19
CA VAL C 38 -16.50 6.14 17.14
C VAL C 38 -15.76 7.09 18.08
N LYS C 39 -15.34 6.56 19.23
CA LYS C 39 -14.70 7.39 20.23
C LYS C 39 -13.34 7.87 19.69
N LYS C 40 -13.05 9.15 19.90
CA LYS C 40 -12.11 9.91 19.07
C LYS C 40 -10.65 9.47 19.12
N ASP C 41 -10.20 8.92 20.24
CA ASP C 41 -8.78 8.56 20.42
C ASP C 41 -8.56 7.08 20.67
N GLU C 42 -9.54 6.27 20.29
CA GLU C 42 -9.49 4.82 20.51
C GLU C 42 -8.93 4.12 19.28
N THR C 43 -8.27 3.00 19.52
CA THR C 43 -7.82 2.09 18.48
C THR C 43 -8.60 0.78 18.62
N PHE C 44 -9.06 0.26 17.49
CA PHE C 44 -9.74 -1.02 17.42
C PHE C 44 -8.87 -2.06 16.72
N ALA C 45 -8.97 -3.31 17.15
CA ALA C 45 -8.23 -4.38 16.57
C ALA C 45 -9.16 -5.25 15.74
N VAL C 46 -8.67 -5.72 14.59
CA VAL C 46 -9.31 -6.75 13.76
C VAL C 46 -8.50 -8.03 13.80
N TYR C 47 -9.20 -9.14 14.01
CA TYR C 47 -8.64 -10.49 14.25
C TYR C 47 -9.17 -11.48 13.20
N VAL C 48 -8.32 -12.43 12.85
CA VAL C 48 -8.73 -13.59 12.09
C VAL C 48 -8.40 -14.85 12.88
N LYS C 49 -9.38 -15.76 12.98
CA LYS C 49 -9.16 -17.11 13.51
C LYS C 49 -9.34 -18.09 12.40
N ILE C 50 -8.36 -18.97 12.24
CA ILE C 50 -8.33 -19.95 11.18
C ILE C 50 -8.80 -21.31 11.69
N GLY C 51 -9.70 -21.93 10.92
CA GLY C 51 -10.03 -23.34 11.13
C GLY C 51 -10.65 -23.45 12.50
N ASP C 52 -10.20 -24.41 13.31
CA ASP C 52 -10.74 -24.59 14.66
C ASP C 52 -9.93 -23.89 15.78
N ASP C 53 -8.96 -23.04 15.40
CA ASP C 53 -8.09 -22.37 16.37
C ASP C 53 -8.93 -21.57 17.33
N GLU C 54 -8.59 -21.64 18.62
CA GLU C 54 -9.27 -20.81 19.59
C GLU C 54 -8.73 -19.39 19.64
N ASN C 55 -7.47 -19.20 19.21
CA ASN C 55 -6.84 -17.89 19.24
C ASN C 55 -6.68 -17.34 17.83
N GLY C 56 -6.82 -16.02 17.69
CA GLY C 56 -6.67 -15.35 16.44
C GLY C 56 -5.31 -14.71 16.23
N PHE C 57 -5.13 -14.15 15.03
CA PHE C 57 -4.06 -13.23 14.72
C PHE C 57 -4.66 -11.90 14.47
N MET C 58 -4.01 -10.85 14.96
CA MET C 58 -4.36 -9.51 14.57
C MET C 58 -3.94 -9.27 13.16
N ILE C 59 -4.86 -8.76 12.35
CA ILE C 59 -4.53 -8.36 10.99
C ILE C 59 -4.32 -6.86 10.84
N GLY C 60 -4.74 -6.08 11.83
CA GLY C 60 -4.44 -4.66 11.88
C GLY C 60 -5.32 -3.89 12.84
N ASN C 61 -5.01 -2.60 12.97
CA ASN C 61 -5.70 -1.68 13.83
C ASN C 61 -6.48 -0.68 12.96
N LEU C 62 -7.59 -0.17 13.52
CA LEU C 62 -8.39 0.85 12.94
C LEU C 62 -8.63 1.97 13.98
N SER C 63 -8.68 3.20 13.50
CA SER C 63 -8.85 4.39 14.34
C SER C 63 -9.28 5.55 13.43
N GLN C 64 -9.66 6.68 14.04
CA GLN C 64 -10.00 7.86 13.29
C GLN C 64 -8.83 8.28 12.41
N LYS C 65 -7.62 8.15 12.92
CA LYS C 65 -6.43 8.56 12.19
C LYS C 65 -6.01 7.59 11.08
N PHE C 66 -6.32 6.29 11.25
CA PHE C 66 -6.03 5.25 10.25
C PHE C 66 -7.33 4.47 10.09
N PRO C 67 -8.34 5.01 9.37
CA PRO C 67 -9.67 4.40 9.34
C PRO C 67 -9.90 3.35 8.23
N GLN C 68 -8.84 2.94 7.53
CA GLN C 68 -8.82 1.80 6.69
C GLN C 68 -7.34 1.40 6.44
N PHE C 69 -7.14 0.14 6.03
CA PHE C 69 -5.86 -0.31 5.62
C PHE C 69 -6.01 -1.35 4.55
N SER C 70 -5.04 -1.38 3.64
CA SER C 70 -4.94 -2.34 2.60
C SER C 70 -4.13 -3.52 3.09
N ILE C 71 -4.45 -4.70 2.56
CA ILE C 71 -3.72 -5.89 2.93
C ILE C 71 -3.74 -6.81 1.70
N ASP C 72 -2.74 -7.68 1.63
CA ASP C 72 -2.66 -8.70 0.59
C ASP C 72 -2.78 -10.05 1.31
N LEU C 73 -4.00 -10.49 1.53
CA LEU C 73 -4.24 -11.66 2.36
C LEU C 73 -5.15 -12.61 1.60
N TYR C 74 -4.79 -13.88 1.67
CA TYR C 74 -5.61 -15.00 1.18
C TYR C 74 -6.24 -15.67 2.39
N LEU C 75 -7.56 -15.85 2.35
CA LEU C 75 -8.25 -16.57 3.37
C LEU C 75 -8.92 -17.78 2.77
N GLY C 76 -8.73 -18.91 3.47
CA GLY C 76 -9.09 -20.21 2.99
C GLY C 76 -10.50 -20.62 3.38
N HIS C 77 -10.67 -21.94 3.50
CA HIS C 77 -12.01 -22.50 3.46
C HIS C 77 -12.67 -22.34 4.81
N GLU C 78 -11.92 -22.06 5.88
CA GLU C 78 -12.52 -21.90 7.18
C GLU C 78 -11.89 -20.81 8.04
N PHE C 79 -12.62 -19.73 8.29
CA PHE C 79 -12.07 -18.61 9.03
C PHE C 79 -13.15 -17.82 9.68
N GLU C 80 -12.77 -17.00 10.68
CA GLU C 80 -13.67 -16.09 11.33
C GLU C 80 -12.98 -14.75 11.51
N ILE C 81 -13.69 -13.67 11.15
CA ILE C 81 -13.21 -12.31 11.31
C ILE C 81 -13.98 -11.67 12.45
N SER C 82 -13.26 -11.03 13.37
CA SER C 82 -13.89 -10.29 14.47
C SER C 82 -13.16 -9.00 14.69
N HIS C 83 -13.81 -8.10 15.43
CA HIS C 83 -13.17 -6.84 15.84
C HIS C 83 -13.93 -6.30 17.06
N ASN C 84 -13.35 -5.29 17.70
CA ASN C 84 -13.93 -4.68 18.90
C ASN C 84 -14.39 -3.25 18.69
N SER C 85 -14.76 -2.89 17.46
CA SER C 85 -15.33 -1.58 17.23
C SER C 85 -16.79 -1.57 17.61
N THR C 86 -17.30 -0.38 17.92
CA THR C 86 -18.73 -0.13 18.14
C THR C 86 -19.46 0.10 16.83
N SER C 87 -18.68 0.32 15.76
CA SER C 87 -19.20 0.47 14.40
C SER C 87 -18.95 -0.82 13.60
N SER C 88 -19.60 -0.93 12.44
CA SER C 88 -19.31 -2.02 11.52
C SER C 88 -17.90 -1.86 10.94
N VAL C 89 -17.30 -2.99 10.56
CA VAL C 89 -16.06 -3.02 9.79
C VAL C 89 -16.37 -3.77 8.48
N TYR C 90 -15.88 -3.24 7.37
CA TYR C 90 -16.10 -3.78 6.03
C TYR C 90 -14.81 -4.42 5.52
N LEU C 91 -14.84 -5.70 5.20
CA LEU C 91 -13.70 -6.39 4.65
C LEU C 91 -14.10 -6.77 3.23
N ILE C 92 -13.31 -6.29 2.24
CA ILE C 92 -13.62 -6.53 0.84
C ILE C 92 -12.40 -7.02 0.07
N GLY C 93 -12.65 -7.66 -1.07
CA GLY C 93 -11.60 -8.18 -1.94
C GLY C 93 -12.28 -8.90 -3.06
N TYR C 94 -11.77 -10.05 -3.45
CA TYR C 94 -12.23 -10.74 -4.69
C TYR C 94 -11.92 -12.23 -4.58
N ARG C 95 -12.70 -13.03 -5.32
CA ARG C 95 -12.30 -14.42 -5.65
C ARG C 95 -11.78 -14.49 -7.08
N THR C 96 -10.91 -15.45 -7.42
CA THR C 96 -10.31 -15.56 -8.74
C THR C 96 -10.62 -16.96 -9.32
N PHE C 97 -11.08 -17.00 -10.58
CA PHE C 97 -11.57 -18.23 -11.23
C PHE C 97 -11.08 -18.28 -12.64
N ASP C 98 -10.99 -19.48 -13.21
CA ASP C 98 -10.95 -19.66 -14.68
C ASP C 98 -12.36 -19.90 -15.11
N LEU C 99 -12.64 -19.66 -16.39
CA LEU C 99 -13.98 -19.81 -16.88
C LEU C 99 -13.94 -20.21 -18.35
N GLU C 100 -14.78 -21.18 -18.71
CA GLU C 100 -15.13 -21.39 -20.13
C GLU C 100 -16.63 -21.56 -20.37
N HIS C 101 -17.07 -21.08 -21.53
CA HIS C 101 -18.47 -21.13 -21.94
C HIS C 101 -18.69 -22.05 -23.11
N HIS C 102 -19.81 -22.78 -23.09
CA HIS C 102 -20.34 -23.48 -24.25
C HIS C 102 -21.71 -22.86 -24.64
N HIS C 103 -21.70 -22.18 -25.79
CA HIS C 103 -22.80 -21.30 -26.21
C HIS C 103 -23.92 -22.08 -26.93
N MET D 2 10.85 -5.88 -19.08
CA MET D 2 10.89 -4.98 -17.89
C MET D 2 12.09 -4.02 -18.03
N GLU D 3 11.86 -2.74 -17.74
CA GLU D 3 12.94 -1.82 -17.40
C GLU D 3 12.46 -0.64 -16.58
N PHE D 4 13.34 -0.11 -15.74
CA PHE D 4 13.08 1.07 -14.96
C PHE D 4 12.67 2.23 -15.86
N TRP D 5 11.68 3.00 -15.40
CA TRP D 5 11.17 4.13 -16.15
C TRP D 5 10.94 5.23 -15.11
N GLY D 6 11.34 6.46 -15.45
CA GLY D 6 11.16 7.58 -14.54
C GLY D 6 11.13 8.92 -15.24
N ILE D 7 10.38 9.86 -14.66
CA ILE D 7 10.38 11.25 -15.14
C ILE D 7 10.38 12.17 -13.93
N GLU D 8 11.00 13.34 -14.11
CA GLU D 8 10.95 14.44 -13.18
C GLU D 8 10.03 15.48 -13.82
N ILE D 9 8.92 15.79 -13.16
CA ILE D 9 7.99 16.79 -13.65
C ILE D 9 8.33 18.06 -12.93
N LYS D 10 8.89 19.01 -13.70
CA LYS D 10 9.35 20.28 -13.13
C LYS D 10 8.15 21.20 -12.86
N PRO D 11 8.26 22.11 -11.86
CA PRO D 11 7.16 23.00 -11.50
C PRO D 11 6.70 23.81 -12.71
N GLY D 12 5.38 23.87 -12.93
CA GLY D 12 4.80 24.65 -14.00
C GLY D 12 5.02 24.11 -15.41
N LYS D 13 5.47 22.86 -15.51
CA LYS D 13 5.84 22.27 -16.79
C LYS D 13 5.25 20.87 -16.87
N PRO D 14 4.01 20.72 -17.37
CA PRO D 14 3.44 19.40 -17.61
C PRO D 14 4.38 18.57 -18.48
N PHE D 15 4.44 17.26 -18.20
CA PHE D 15 5.35 16.36 -18.85
C PHE D 15 4.51 15.42 -19.71
N LYS D 16 4.71 15.56 -21.04
CA LYS D 16 4.03 14.78 -22.04
C LYS D 16 4.84 13.58 -22.46
N VAL D 17 4.22 12.40 -22.44
CA VAL D 17 4.85 11.16 -22.84
C VAL D 17 4.10 10.60 -24.03
N ILE D 18 4.87 10.24 -25.07
CA ILE D 18 4.36 9.52 -26.25
C ILE D 18 4.84 8.07 -26.35
N GLY D 22 2.13 -0.19 -28.55
CA GLY D 22 2.32 -1.45 -27.85
C GLY D 22 3.05 -1.36 -26.51
N PHE D 23 3.85 -0.30 -26.34
CA PHE D 23 4.63 -0.08 -25.13
C PHE D 23 3.81 0.59 -24.03
N MET D 24 4.04 0.16 -22.78
CA MET D 24 3.23 0.58 -21.67
C MET D 24 4.10 0.91 -20.48
N VAL D 25 3.70 1.96 -19.75
CA VAL D 25 4.36 2.36 -18.51
C VAL D 25 3.51 1.87 -17.36
N HIS D 26 4.12 1.17 -16.40
CA HIS D 26 3.50 0.98 -15.07
C HIS D 26 4.05 2.05 -14.15
N ALA D 27 3.20 2.99 -13.75
CA ALA D 27 3.55 4.00 -12.77
C ALA D 27 3.35 3.41 -11.41
N SER D 28 4.39 3.49 -10.57
CA SER D 28 4.42 2.87 -9.26
C SER D 28 4.48 3.84 -8.10
N GLN D 29 5.17 4.97 -8.28
CA GLN D 29 5.57 5.80 -7.17
C GLN D 29 5.62 7.25 -7.60
N VAL D 30 5.08 8.12 -6.74
CA VAL D 30 5.01 9.57 -6.97
C VAL D 30 5.58 10.22 -5.74
N THR D 31 6.64 11.02 -5.91
CA THR D 31 7.39 11.58 -4.79
C THR D 31 7.55 13.10 -4.94
N LEU D 32 7.31 13.80 -3.83
CA LEU D 32 7.48 15.23 -3.75
C LEU D 32 8.93 15.58 -3.51
N GLY D 33 9.50 16.44 -4.37
CA GLY D 33 10.83 16.98 -4.15
C GLY D 33 10.90 18.09 -3.14
N ASP D 34 12.10 18.33 -2.62
CA ASP D 34 12.36 19.49 -1.70
C ASP D 34 11.32 19.62 -0.64
N VAL D 35 11.02 18.52 0.06
CA VAL D 35 9.90 18.51 0.98
C VAL D 35 10.02 19.61 2.03
N GLU D 36 11.24 19.85 2.51
CA GLU D 36 11.50 20.81 3.57
C GLU D 36 11.22 22.25 3.13
N LYS D 37 11.23 22.49 1.82
CA LYS D 37 11.15 23.83 1.24
C LYS D 37 9.79 24.26 0.73
N VAL D 38 8.88 23.31 0.54
CA VAL D 38 7.52 23.64 0.08
C VAL D 38 6.73 24.22 1.25
N LYS D 39 5.61 24.88 0.92
CA LYS D 39 4.77 25.51 1.90
C LYS D 39 4.23 24.48 2.89
N LYS D 40 4.32 24.84 4.18
CA LYS D 40 3.79 24.06 5.25
C LYS D 40 2.26 23.94 5.15
N ASP D 41 1.79 22.72 5.35
CA ASP D 41 0.35 22.44 5.43
C ASP D 41 -0.35 22.71 4.10
N GLU D 42 0.41 22.87 3.00
CA GLU D 42 -0.22 22.94 1.68
C GLU D 42 -0.28 21.54 1.06
N THR D 43 -1.35 21.27 0.30
CA THR D 43 -1.50 20.03 -0.43
C THR D 43 -1.43 20.31 -1.91
N PHE D 44 -0.63 19.52 -2.61
CA PHE D 44 -0.45 19.65 -4.05
C PHE D 44 -1.11 18.47 -4.74
N ALA D 45 -1.75 18.76 -5.85
CA ALA D 45 -2.49 17.80 -6.61
C ALA D 45 -1.67 17.40 -7.82
N VAL D 46 -1.68 16.09 -8.13
CA VAL D 46 -1.05 15.51 -9.31
C VAL D 46 -2.15 14.95 -10.19
N TYR D 47 -2.06 15.27 -11.47
CA TYR D 47 -3.05 14.96 -12.52
C TYR D 47 -2.40 14.16 -13.64
N VAL D 48 -3.23 13.32 -14.27
CA VAL D 48 -2.90 12.72 -15.54
C VAL D 48 -3.99 13.05 -16.54
N LYS D 49 -3.57 13.44 -17.74
CA LYS D 49 -4.45 13.58 -18.90
C LYS D 49 -4.08 12.53 -19.89
N ILE D 50 -5.07 11.80 -20.38
CA ILE D 50 -4.87 10.69 -21.31
C ILE D 50 -5.15 11.14 -22.74
N GLY D 51 -4.23 10.83 -23.65
CA GLY D 51 -4.41 11.10 -25.08
C GLY D 51 -4.67 12.57 -25.29
N ASP D 52 -5.75 12.90 -26.01
CA ASP D 52 -6.10 14.30 -26.26
C ASP D 52 -7.12 14.90 -25.29
N ASP D 53 -7.46 14.18 -24.23
CA ASP D 53 -8.44 14.65 -23.23
C ASP D 53 -8.00 15.98 -22.67
N GLU D 54 -8.91 16.94 -22.58
CA GLU D 54 -8.54 18.22 -21.98
C GLU D 54 -8.64 18.18 -20.46
N ASN D 55 -9.45 17.29 -19.93
CA ASN D 55 -9.72 17.22 -18.49
C ASN D 55 -9.08 15.93 -17.96
N GLY D 56 -8.42 16.04 -16.82
CA GLY D 56 -7.59 14.98 -16.30
C GLY D 56 -8.25 14.26 -15.14
N PHE D 57 -7.51 13.29 -14.60
CA PHE D 57 -7.85 12.65 -13.36
C PHE D 57 -6.77 13.00 -12.40
N MET D 58 -7.14 13.29 -11.16
CA MET D 58 -6.22 13.27 -10.07
C MET D 58 -5.72 11.86 -9.82
N ILE D 59 -4.39 11.74 -9.69
CA ILE D 59 -3.79 10.48 -9.27
C ILE D 59 -3.42 10.46 -7.80
N GLY D 60 -3.36 11.65 -7.18
CA GLY D 60 -3.07 11.74 -5.78
C GLY D 60 -2.68 13.13 -5.37
N ASN D 61 -2.55 13.29 -4.06
CA ASN D 61 -2.11 14.50 -3.43
C ASN D 61 -0.76 14.25 -2.76
N LEU D 62 0.03 15.31 -2.68
CA LEU D 62 1.32 15.35 -2.00
C LEU D 62 1.37 16.54 -1.04
N SER D 63 2.11 16.36 0.06
CA SER D 63 2.28 17.35 1.09
C SER D 63 3.47 16.97 1.96
N GLN D 64 3.89 17.88 2.86
CA GLN D 64 4.97 17.56 3.77
C GLN D 64 4.63 16.37 4.60
N LYS D 65 3.38 16.23 4.99
CA LYS D 65 2.93 15.11 5.80
C LYS D 65 2.77 13.80 5.05
N PHE D 66 2.46 13.86 3.74
CA PHE D 66 2.32 12.68 2.88
C PHE D 66 3.15 12.97 1.64
N PRO D 67 4.50 12.85 1.70
CA PRO D 67 5.37 13.35 0.63
C PRO D 67 5.72 12.34 -0.48
N GLN D 68 5.08 11.18 -0.47
CA GLN D 68 5.07 10.26 -1.57
C GLN D 68 3.89 9.30 -1.40
N PHE D 69 3.47 8.69 -2.51
CA PHE D 69 2.50 7.63 -2.43
C PHE D 69 2.75 6.65 -3.56
N SER D 70 2.42 5.39 -3.30
CA SER D 70 2.45 4.31 -4.22
C SER D 70 1.15 4.24 -4.99
N ILE D 71 1.24 3.76 -6.22
CA ILE D 71 0.08 3.55 -7.06
C ILE D 71 0.34 2.35 -7.96
N ASP D 72 -0.74 1.74 -8.46
CA ASP D 72 -0.69 0.65 -9.41
C ASP D 72 -1.42 1.08 -10.66
N LEU D 73 -0.71 1.76 -11.56
CA LEU D 73 -1.33 2.36 -12.72
C LEU D 73 -0.59 1.97 -13.96
N TYR D 74 -1.33 1.56 -14.98
CA TYR D 74 -0.80 1.34 -16.35
C TYR D 74 -1.20 2.53 -17.23
N LEU D 75 -0.22 3.11 -17.90
CA LEU D 75 -0.41 4.23 -18.79
C LEU D 75 0.09 3.81 -20.18
N GLY D 76 -0.71 4.11 -21.19
CA GLY D 76 -0.55 3.63 -22.54
C GLY D 76 0.22 4.58 -23.42
N HIS D 77 -0.21 4.71 -24.67
CA HIS D 77 0.57 5.36 -25.67
C HIS D 77 0.94 6.84 -25.33
N GLU D 78 -0.06 7.58 -24.85
CA GLU D 78 0.05 9.02 -24.77
C GLU D 78 -0.62 9.59 -23.52
N PHE D 79 0.18 10.27 -22.70
CA PHE D 79 -0.32 10.85 -21.47
C PHE D 79 0.49 12.03 -21.06
N GLU D 80 -0.09 12.87 -20.19
CA GLU D 80 0.58 14.04 -19.66
C GLU D 80 0.37 14.10 -18.16
N ILE D 81 1.47 14.29 -17.42
CA ILE D 81 1.47 14.41 -15.97
C ILE D 81 1.70 15.87 -15.63
N SER D 82 0.91 16.40 -14.70
CA SER D 82 1.06 17.78 -14.22
C SER D 82 0.82 17.81 -12.76
N HIS D 83 1.30 18.88 -12.11
CA HIS D 83 1.03 19.11 -10.70
C HIS D 83 1.23 20.58 -10.41
N ASN D 84 0.79 21.02 -9.23
CA ASN D 84 0.91 22.42 -8.81
C ASN D 84 1.89 22.66 -7.67
N SER D 85 2.91 21.80 -7.54
CA SER D 85 3.92 22.06 -6.54
C SER D 85 4.92 23.08 -7.08
N THR D 86 5.58 23.77 -6.15
CA THR D 86 6.68 24.70 -6.46
C THR D 86 7.98 23.95 -6.59
N SER D 87 7.98 22.68 -6.17
CA SER D 87 9.14 21.76 -6.31
C SER D 87 8.85 20.75 -7.43
N SER D 88 9.88 20.00 -7.82
CA SER D 88 9.69 18.90 -8.76
C SER D 88 8.89 17.78 -8.11
N VAL D 89 8.24 17.00 -8.97
CA VAL D 89 7.62 15.71 -8.58
C VAL D 89 8.26 14.66 -9.45
N TYR D 90 8.59 13.51 -8.85
CA TYR D 90 9.22 12.36 -9.53
C TYR D 90 8.19 11.24 -9.64
N LEU D 91 7.88 10.81 -10.86
CA LEU D 91 7.00 9.70 -11.11
C LEU D 91 7.90 8.60 -11.68
N ILE D 92 7.93 7.45 -11.02
CA ILE D 92 8.74 6.31 -11.47
C ILE D 92 7.92 5.02 -11.50
N GLY D 93 8.47 4.05 -12.21
CA GLY D 93 7.84 2.76 -12.35
C GLY D 93 8.72 1.95 -13.28
N TYR D 94 8.08 1.23 -14.18
CA TYR D 94 8.75 0.35 -15.16
C TYR D 94 7.95 0.28 -16.44
N ARG D 95 8.66 0.06 -17.55
CA ARG D 95 8.06 -0.07 -18.90
C ARG D 95 8.00 -1.54 -19.26
N THR D 96 6.95 -1.97 -19.96
CA THR D 96 6.76 -3.34 -20.41
C THR D 96 6.34 -3.33 -21.89
N MET E 1 -0.11 -19.19 -2.82
CA MET E 1 -0.91 -18.07 -2.25
C MET E 1 -2.26 -18.62 -1.76
N MET E 2 -2.24 -19.76 -1.08
CA MET E 2 -3.51 -20.40 -0.62
C MET E 2 -3.29 -21.00 0.77
N GLU E 3 -2.66 -20.24 1.67
CA GLU E 3 -2.39 -20.76 3.04
C GLU E 3 -2.11 -19.58 3.97
N PHE E 4 -3.13 -19.13 4.72
CA PHE E 4 -2.92 -18.04 5.66
C PHE E 4 -1.77 -18.41 6.58
N TRP E 5 -0.93 -17.42 6.88
CA TRP E 5 0.24 -17.62 7.70
C TRP E 5 0.31 -16.38 8.58
N GLY E 6 0.64 -16.60 9.87
CA GLY E 6 0.91 -15.53 10.77
C GLY E 6 1.76 -15.99 11.95
N ILE E 7 2.55 -15.05 12.47
CA ILE E 7 3.30 -15.27 13.71
C ILE E 7 3.19 -14.07 14.59
N GLU E 8 3.20 -14.31 15.91
CA GLU E 8 3.27 -13.27 16.90
C GLU E 8 4.70 -13.27 17.46
N ILE E 9 5.42 -12.17 17.27
CA ILE E 9 6.77 -12.03 17.74
C ILE E 9 6.67 -11.30 19.08
N LYS E 10 6.94 -12.05 20.16
CA LYS E 10 6.83 -11.56 21.51
C LYS E 10 8.01 -10.65 21.84
N PRO E 11 7.82 -9.68 22.75
CA PRO E 11 8.89 -8.77 23.16
C PRO E 11 10.11 -9.55 23.63
N GLY E 12 11.29 -9.18 23.15
CA GLY E 12 12.54 -9.79 23.56
C GLY E 12 12.81 -11.18 23.03
N LYS E 13 11.99 -11.65 22.10
CA LYS E 13 12.03 -13.03 21.65
C LYS E 13 11.97 -13.10 20.13
N PRO E 14 13.13 -13.10 19.44
CA PRO E 14 13.15 -13.30 17.99
C PRO E 14 12.41 -14.61 17.63
N PHE E 15 11.75 -14.61 16.48
CA PHE E 15 10.98 -15.69 15.99
C PHE E 15 11.69 -16.24 14.77
N LYS E 16 12.17 -17.48 14.86
CA LYS E 16 12.75 -18.22 13.75
C LYS E 16 11.72 -19.04 13.00
N VAL E 17 11.69 -18.90 11.68
CA VAL E 17 10.83 -19.69 10.80
C VAL E 17 11.70 -20.50 9.87
N ILE E 18 11.57 -21.85 9.93
CA ILE E 18 12.49 -22.73 9.22
C ILE E 18 11.71 -23.60 8.22
N GLN E 19 11.81 -23.29 6.92
CA GLN E 19 11.04 -23.96 5.88
C GLN E 19 11.97 -24.89 5.07
N LYS E 20 11.65 -26.19 5.05
CA LYS E 20 12.43 -27.20 4.37
C LYS E 20 11.69 -27.87 3.26
N ASP E 21 10.47 -27.36 2.99
CA ASP E 21 9.58 -27.86 1.94
C ASP E 21 9.59 -27.17 0.55
N GLY E 22 10.52 -26.23 0.35
CA GLY E 22 10.63 -25.47 -0.90
C GLY E 22 9.52 -24.44 -1.19
N PHE E 23 8.59 -24.29 -0.26
CA PHE E 23 7.65 -23.17 -0.27
C PHE E 23 8.24 -21.95 0.48
N MET E 24 7.54 -20.82 0.37
CA MET E 24 7.94 -19.58 0.98
C MET E 24 6.79 -18.90 1.70
N VAL E 25 7.15 -17.97 2.58
CA VAL E 25 6.24 -17.07 3.22
C VAL E 25 6.21 -15.78 2.40
N HIS E 26 5.00 -15.33 2.06
CA HIS E 26 4.79 -13.96 1.62
C HIS E 26 4.32 -13.18 2.81
N ALA E 27 5.18 -12.27 3.29
CA ALA E 27 4.80 -11.39 4.39
C ALA E 27 4.07 -10.23 3.78
N SER E 28 2.86 -9.94 4.30
CA SER E 28 2.02 -8.90 3.78
C SER E 28 1.80 -7.71 4.72
N GLN E 29 1.82 -7.96 6.03
CA GLN E 29 1.41 -6.97 7.00
C GLN E 29 2.20 -7.16 8.29
N VAL E 30 2.59 -6.02 8.88
CA VAL E 30 3.31 -5.97 10.15
C VAL E 30 2.53 -5.02 11.05
N THR E 31 2.06 -5.53 12.21
CA THR E 31 1.15 -4.79 13.06
C THR E 31 1.64 -4.81 14.52
N LEU E 32 1.57 -3.67 15.21
CA LEU E 32 1.76 -3.58 16.65
C LEU E 32 0.57 -4.12 17.42
N GLY E 33 0.83 -5.07 18.32
CA GLY E 33 -0.18 -5.91 18.93
C GLY E 33 -1.07 -5.18 19.93
N ASP E 34 -0.48 -4.24 20.66
CA ASP E 34 -1.22 -3.46 21.63
C ASP E 34 -0.66 -2.06 21.72
N VAL E 35 -1.28 -1.18 20.93
CA VAL E 35 -0.81 0.17 20.78
C VAL E 35 -0.80 0.89 22.13
N GLU E 36 -1.76 0.57 23.00
CA GLU E 36 -1.84 1.17 24.34
C GLU E 36 -0.66 0.84 25.24
N LYS E 37 0.02 -0.26 24.95
CA LYS E 37 1.06 -0.84 25.82
C LYS E 37 2.51 -0.48 25.37
N VAL E 38 2.65 0.68 24.70
CA VAL E 38 3.96 1.11 24.28
C VAL E 38 4.18 2.56 24.67
N LYS E 39 5.45 2.92 24.83
CA LYS E 39 5.80 4.29 25.21
C LYS E 39 5.43 5.22 24.07
N LYS E 40 4.79 6.35 24.39
CA LYS E 40 3.96 7.09 23.44
C LYS E 40 4.70 7.70 22.23
N ASP E 41 5.97 8.04 22.39
CA ASP E 41 6.74 8.77 21.37
C ASP E 41 7.95 7.98 20.87
N GLU E 42 7.99 6.68 21.17
CA GLU E 42 9.15 5.85 20.84
C GLU E 42 8.89 5.13 19.52
N THR E 43 9.95 4.91 18.74
CA THR E 43 9.89 4.14 17.52
C THR E 43 10.66 2.85 17.65
N PHE E 44 10.04 1.75 17.20
CA PHE E 44 10.63 0.42 17.32
C PHE E 44 11.01 -0.07 15.93
N ALA E 45 12.14 -0.75 15.86
CA ALA E 45 12.67 -1.34 14.68
C ALA E 45 12.29 -2.82 14.56
N VAL E 46 11.95 -3.25 13.36
CA VAL E 46 11.68 -4.66 13.00
C VAL E 46 12.72 -5.07 11.99
N TYR E 47 13.44 -6.17 12.30
CA TYR E 47 14.53 -6.73 11.50
C TYR E 47 14.21 -8.15 11.00
N VAL E 48 14.82 -8.49 9.88
CA VAL E 48 14.83 -9.84 9.37
C VAL E 48 16.30 -10.22 9.16
N LYS E 49 16.64 -11.44 9.60
CA LYS E 49 17.92 -12.07 9.34
C LYS E 49 17.66 -13.30 8.50
N ILE E 50 18.47 -13.46 7.46
CA ILE E 50 18.29 -14.55 6.49
C ILE E 50 19.28 -15.67 6.74
N GLY E 51 18.75 -16.90 6.89
CA GLY E 51 19.55 -18.07 7.12
C GLY E 51 20.49 -17.84 8.30
N ASP E 52 21.73 -18.27 8.11
CA ASP E 52 22.82 -18.09 9.08
C ASP E 52 23.68 -16.86 8.77
N ASP E 53 23.28 -16.04 7.79
CA ASP E 53 23.97 -14.75 7.56
C ASP E 53 23.81 -13.92 8.82
N GLU E 54 24.88 -13.27 9.24
CA GLU E 54 24.84 -12.49 10.46
C GLU E 54 24.22 -11.13 10.32
N ASN E 55 24.11 -10.60 9.09
CA ASN E 55 23.62 -9.21 8.91
C ASN E 55 22.12 -9.17 8.70
N GLY E 56 21.40 -8.39 9.50
CA GLY E 56 19.96 -8.25 9.35
C GLY E 56 19.59 -6.97 8.63
N PHE E 57 18.35 -6.94 8.12
CA PHE E 57 17.84 -5.84 7.32
C PHE E 57 16.59 -5.40 7.96
N MET E 58 16.40 -4.07 8.08
CA MET E 58 15.14 -3.57 8.61
C MET E 58 14.03 -3.79 7.61
N ILE E 59 12.89 -4.27 8.11
CA ILE E 59 11.68 -4.34 7.29
C ILE E 59 10.72 -3.17 7.52
N GLY E 60 10.93 -2.43 8.60
CA GLY E 60 10.14 -1.27 8.93
C GLY E 60 10.25 -0.90 10.39
N ASN E 61 9.60 0.21 10.73
CA ASN E 61 9.46 0.71 12.08
C ASN E 61 8.04 0.74 12.44
N LEU E 62 7.78 0.70 13.76
CA LEU E 62 6.45 0.78 14.34
C LEU E 62 6.47 1.77 15.50
N SER E 63 5.29 2.34 15.78
CA SER E 63 5.11 3.24 16.94
C SER E 63 3.61 3.36 17.17
N GLN E 64 3.24 3.92 18.31
CA GLN E 64 1.82 4.15 18.64
C GLN E 64 1.19 4.98 17.53
N LYS E 65 1.92 5.99 17.05
CA LYS E 65 1.42 6.89 16.04
C LYS E 65 1.34 6.28 14.63
N PHE E 66 2.22 5.31 14.31
CA PHE E 66 2.23 4.63 13.03
C PHE E 66 2.35 3.13 13.34
N PRO E 67 1.25 2.48 13.75
CA PRO E 67 1.32 1.15 14.37
C PRO E 67 1.21 -0.06 13.44
N GLN E 68 1.25 0.15 12.12
CA GLN E 68 1.29 -0.96 11.19
C GLN E 68 1.71 -0.48 9.82
N PHE E 69 2.21 -1.41 9.00
CA PHE E 69 2.48 -1.11 7.60
C PHE E 69 2.33 -2.39 6.80
N SER E 70 1.96 -2.23 5.54
CA SER E 70 1.89 -3.29 4.57
C SER E 70 3.24 -3.44 3.89
N ILE E 71 3.51 -4.66 3.43
CA ILE E 71 4.76 -4.95 2.74
C ILE E 71 4.55 -6.05 1.73
N ASP E 72 5.46 -6.19 0.76
CA ASP E 72 5.43 -7.25 -0.23
C ASP E 72 6.77 -7.96 -0.18
N LEU E 73 6.89 -8.95 0.68
CA LEU E 73 8.16 -9.67 0.84
C LEU E 73 7.97 -11.16 0.73
N TYR E 74 8.87 -11.81 0.01
CA TYR E 74 8.95 -13.29 -0.09
C TYR E 74 10.15 -13.76 0.73
N LEU E 75 9.93 -14.68 1.66
CA LEU E 75 10.97 -15.18 2.54
C LEU E 75 10.96 -16.70 2.41
N GLY E 76 11.99 -17.24 1.77
CA GLY E 76 12.21 -18.66 1.65
C GLY E 76 13.07 -19.18 2.80
N HIS E 77 13.26 -20.49 2.78
CA HIS E 77 14.15 -21.17 3.69
C HIS E 77 13.98 -20.77 5.19
N GLU E 78 15.08 -20.40 5.82
CA GLU E 78 15.14 -19.95 7.16
C GLU E 78 15.25 -18.42 7.25
N PHE E 79 14.42 -17.85 8.12
CA PHE E 79 14.55 -16.46 8.46
C PHE E 79 14.16 -16.24 9.91
N GLU E 80 14.60 -15.10 10.45
CA GLU E 80 14.31 -14.74 11.80
C GLU E 80 13.83 -13.30 11.84
N ILE E 81 12.69 -13.08 12.52
CA ILE E 81 12.12 -11.76 12.72
C ILE E 81 12.40 -11.37 14.16
N SER E 82 12.88 -10.14 14.35
CA SER E 82 13.11 -9.58 15.67
C SER E 82 12.68 -8.15 15.69
N HIS E 83 12.40 -7.65 16.87
CA HIS E 83 12.09 -6.25 17.09
C HIS E 83 12.40 -5.88 18.54
N ASN E 84 12.41 -4.57 18.81
CA ASN E 84 12.69 -4.06 20.14
C ASN E 84 11.51 -3.39 20.82
N SER E 85 10.29 -3.79 20.47
CA SER E 85 9.12 -3.24 21.09
C SER E 85 8.82 -3.92 22.39
N THR E 86 8.08 -3.22 23.26
CA THR E 86 7.60 -3.78 24.52
C THR E 86 6.30 -4.52 24.32
N SER E 87 5.70 -4.31 23.15
CA SER E 87 4.46 -4.99 22.73
C SER E 87 4.81 -6.11 21.73
N SER E 88 3.92 -7.09 21.58
CA SER E 88 4.04 -8.08 20.53
C SER E 88 3.87 -7.42 19.17
N VAL E 89 4.50 -8.02 18.15
CA VAL E 89 4.35 -7.59 16.76
C VAL E 89 3.82 -8.83 16.00
N TYR E 90 2.80 -8.62 15.17
CA TYR E 90 2.19 -9.67 14.32
C TYR E 90 2.66 -9.47 12.88
N LEU E 91 3.29 -10.51 12.32
CA LEU E 91 3.60 -10.59 10.93
C LEU E 91 2.65 -11.59 10.32
N ILE E 92 1.91 -11.18 9.28
CA ILE E 92 0.81 -11.95 8.70
C ILE E 92 1.00 -11.95 7.16
N GLY E 93 0.56 -13.02 6.52
CA GLY E 93 0.64 -13.13 5.09
C GLY E 93 0.10 -14.48 4.71
N TYR E 94 0.82 -15.15 3.81
CA TYR E 94 0.40 -16.48 3.32
C TYR E 94 1.64 -17.26 2.93
N ARG E 95 1.54 -18.58 2.95
CA ARG E 95 2.60 -19.41 2.31
C ARG E 95 2.18 -19.78 0.89
N THR E 96 3.14 -19.71 -0.04
CA THR E 96 2.91 -19.91 -1.45
C THR E 96 4.03 -20.74 -2.05
N PHE E 97 3.85 -21.22 -3.28
CA PHE E 97 4.94 -21.88 -4.05
C PHE E 97 5.89 -20.87 -4.62
#